data_6HSN
#
_entry.id   6HSN
#
_cell.length_a   86.962
_cell.length_b   99.217
_cell.length_c   111.608
_cell.angle_alpha   90.00
_cell.angle_beta   90.00
_cell.angle_gamma   90.00
#
_symmetry.space_group_name_H-M   'I 2 2 2'
#
loop_
_entity.id
_entity.type
_entity.pdbx_description
1 polymer Gephyrin
2 polymer 'Gamma-aminobutyric acid receptor subunit alpha-3'
3 non-polymer "ADENOSINE-5'-DIPHOSPHATE"
4 non-polymer 'MAGNESIUM ION'
5 non-polymer (4S)-2-METHYL-2,4-PENTANEDIOL
6 non-polymer 'ACETATE ION'
7 non-polymer 'PHOSPHATE ION'
8 non-polymer 'SODIUM ION'
9 non-polymer "1,1'-[ethane-1,2-diylbis(oxyethane-2,1-diyl)]bis(1H-pyrrole-2,5-dione)"
10 water water
#
loop_
_entity_poly.entity_id
_entity_poly.type
_entity_poly.pdbx_seq_one_letter_code
_entity_poly.pdbx_strand_id
1 'polypeptide(L)'
;MSPFPLTSMDKAFITVLEMTPVLGTEIINYRDGMGRVLAQDVYAKDNLPPFPASVKDGYAVRAADGPGDRFIIGESQAGE
QPTQTVMPGQVMRVTTGAPIPCGADAVVQVEDTELIRESDDGTEELEVRILVQARPGQDIRPIGHDIKRGECVLAKGTHM
GPSEIGLLATVGVTEVEVNKFPVVAVMSTGNELLNPEDDLLPGKIRDSNRSTLLATIQEHGYPTINLGIVGDNPDDLLNA
LNEGISRADVIITSGGVSMGEKDYLKQVLDIDLHAQIHFGRVFMKPGLPTTFATLDIDGVRKIIFALPGNPVSAVVTCNL
FVVPALRKMQGILDPRPTIIKARLSCDVKLDPRPEYHRCILTWHHQEPLPWAQSTGNQMSSRLMSMRSANGLLMLPPKTE
QYVELHKGEVVDVMVIGRL
;
A
2 'polypeptide(L)' FNIVGTTYPC D,E
#
# COMPACT_ATOMS: atom_id res chain seq x y z
N SER A 2 6.91 11.59 39.53
CA SER A 2 5.86 10.54 39.41
C SER A 2 5.92 9.87 38.03
N PRO A 3 6.30 8.57 37.94
CA PRO A 3 6.29 7.85 36.68
C PRO A 3 4.86 7.88 36.11
N PHE A 4 4.72 7.84 34.78
CA PHE A 4 3.40 7.79 34.08
C PHE A 4 2.82 6.41 34.31
N PRO A 5 1.48 6.26 34.30
CA PRO A 5 0.91 4.92 34.46
C PRO A 5 1.29 3.98 33.31
N LEU A 6 1.45 2.70 33.57
CA LEU A 6 1.58 1.68 32.51
C LEU A 6 0.25 1.60 31.79
N THR A 7 0.28 1.94 30.52
CA THR A 7 -0.85 1.87 29.59
C THR A 7 -0.83 0.51 28.92
N SER A 8 -1.99 -0.13 28.76
CA SER A 8 -2.04 -1.40 28.03
C SER A 8 -1.68 -1.13 26.57
N MET A 9 -1.16 -2.13 25.91
CA MET A 9 -0.80 -2.08 24.50
C MET A 9 -2.04 -1.77 23.67
N ASP A 10 -3.18 -2.43 23.92
CA ASP A 10 -4.44 -2.13 23.19
C ASP A 10 -4.83 -0.67 23.38
N LYS A 11 -4.83 -0.14 24.61
CA LYS A 11 -5.26 1.26 24.85
C LYS A 11 -4.25 2.20 24.16
N ALA A 12 -2.96 1.90 24.23
CA ALA A 12 -1.93 2.81 23.64
C ALA A 12 -2.16 2.85 22.12
N PHE A 13 -2.32 1.70 21.51
CA PHE A 13 -2.54 1.64 20.04
C PHE A 13 -3.80 2.40 19.62
N ILE A 14 -4.95 2.17 20.31
CA ILE A 14 -6.21 2.83 19.86
CA ILE A 14 -6.25 2.81 19.96
C ILE A 14 -6.09 4.33 20.14
N THR A 15 -5.34 4.72 21.15
CA THR A 15 -5.17 6.15 21.51
C THR A 15 -4.43 6.84 20.37
N VAL A 16 -3.37 6.18 19.87
CA VAL A 16 -2.62 6.77 18.73
C VAL A 16 -3.57 6.96 17.54
N LEU A 17 -4.35 5.95 17.16
CA LEU A 17 -5.18 6.06 15.95
C LEU A 17 -6.32 7.06 16.18
N GLU A 18 -6.91 7.08 17.37
CA GLU A 18 -8.02 7.99 17.64
C GLU A 18 -7.56 9.45 17.65
N MET A 19 -6.38 9.76 18.16
CA MET A 19 -5.91 11.13 18.43
CA MET A 19 -5.98 11.16 18.38
C MET A 19 -5.13 11.71 17.22
N THR A 20 -4.72 10.84 16.32
CA THR A 20 -3.97 11.27 15.09
C THR A 20 -4.95 11.90 14.10
N PRO A 21 -4.61 13.06 13.52
CA PRO A 21 -5.49 13.72 12.55
C PRO A 21 -5.31 13.13 11.16
N VAL A 22 -6.30 13.37 10.32
CA VAL A 22 -6.21 13.14 8.85
C VAL A 22 -5.76 14.45 8.24
N LEU A 23 -4.71 14.44 7.42
CA LEU A 23 -4.21 15.67 6.83
C LEU A 23 -5.20 16.20 5.80
N GLY A 24 -4.98 17.46 5.43
CA GLY A 24 -5.80 18.11 4.40
C GLY A 24 -5.45 17.55 3.03
N THR A 25 -6.05 18.14 2.03
CA THR A 25 -5.99 17.69 0.63
C THR A 25 -5.16 18.63 -0.22
N GLU A 26 -4.76 18.10 -1.36
CA GLU A 26 -4.04 18.88 -2.36
C GLU A 26 -4.32 18.21 -3.70
N ILE A 27 -4.13 18.97 -4.77
CA ILE A 27 -4.25 18.42 -6.14
C ILE A 27 -2.86 18.01 -6.59
N ILE A 28 -2.76 16.80 -7.15
CA ILE A 28 -1.48 16.30 -7.67
C ILE A 28 -1.68 15.86 -9.11
N ASN A 29 -0.57 15.78 -9.82
CA ASN A 29 -0.55 15.10 -11.13
C ASN A 29 -0.74 13.59 -10.89
N TYR A 30 -1.49 12.93 -11.75
CA TYR A 30 -1.84 11.49 -11.63
CA TYR A 30 -1.84 11.50 -11.52
C TYR A 30 -0.56 10.65 -11.51
N ARG A 31 0.51 11.04 -12.19
CA ARG A 31 1.75 10.19 -12.23
C ARG A 31 2.40 10.15 -10.86
N ASP A 32 2.06 11.13 -10.00
CA ASP A 32 2.56 11.19 -8.61
C ASP A 32 1.60 10.48 -7.64
N GLY A 33 0.67 9.69 -8.10
CA GLY A 33 -0.41 9.14 -7.27
C GLY A 33 -0.05 7.91 -6.46
N MET A 34 1.11 7.28 -6.67
CA MET A 34 1.36 5.98 -6.01
CA MET A 34 1.39 6.00 -6.01
C MET A 34 1.35 6.15 -4.47
N GLY A 35 0.54 5.31 -3.82
CA GLY A 35 0.43 5.32 -2.36
C GLY A 35 -0.52 6.40 -1.88
N ARG A 36 -0.96 7.31 -2.74
CA ARG A 36 -1.86 8.40 -2.29
C ARG A 36 -3.27 7.84 -2.13
N VAL A 37 -4.09 8.54 -1.36
CA VAL A 37 -5.53 8.22 -1.25
C VAL A 37 -6.34 9.34 -1.89
N LEU A 38 -7.24 8.94 -2.79
CA LEU A 38 -8.17 9.88 -3.43
C LEU A 38 -9.05 10.54 -2.38
N ALA A 39 -9.19 11.84 -2.50
CA ALA A 39 -10.10 12.65 -1.66
C ALA A 39 -11.28 13.13 -2.50
N GLN A 40 -11.44 12.61 -3.71
CA GLN A 40 -12.58 12.93 -4.59
C GLN A 40 -12.96 11.62 -5.31
N ASP A 41 -14.21 11.51 -5.68
CA ASP A 41 -14.61 10.51 -6.69
C ASP A 41 -14.13 10.98 -8.05
N VAL A 42 -13.78 10.02 -8.90
CA VAL A 42 -13.28 10.30 -10.25
C VAL A 42 -14.25 9.71 -11.27
N TYR A 43 -14.68 10.55 -12.20
CA TYR A 43 -15.67 10.17 -13.25
C TYR A 43 -15.01 10.15 -14.63
N ALA A 44 -15.53 9.25 -15.47
CA ALA A 44 -15.13 9.16 -16.88
C ALA A 44 -15.86 10.27 -17.64
N LYS A 45 -15.20 10.98 -18.50
CA LYS A 45 -15.93 11.96 -19.36
C LYS A 45 -16.13 11.40 -20.76
N ASP A 46 -15.53 10.26 -21.06
CA ASP A 46 -15.69 9.58 -22.36
C ASP A 46 -16.08 8.13 -22.16
N ASN A 47 -16.65 7.52 -23.20
CA ASN A 47 -16.85 6.06 -23.27
C ASN A 47 -15.53 5.32 -23.55
N LEU A 48 -15.39 4.13 -23.00
CA LEU A 48 -14.30 3.22 -23.38
C LEU A 48 -14.95 1.89 -23.76
N PRO A 49 -14.72 1.37 -24.98
CA PRO A 49 -14.16 2.16 -26.06
C PRO A 49 -15.08 3.26 -26.54
N PRO A 50 -14.56 4.34 -27.15
CA PRO A 50 -15.39 5.46 -27.57
C PRO A 50 -16.04 5.23 -28.95
N PHE A 51 -15.60 4.18 -29.64
CA PHE A 51 -16.17 3.66 -30.91
C PHE A 51 -16.36 2.17 -30.71
N PRO A 52 -17.19 1.48 -31.52
CA PRO A 52 -17.28 0.02 -31.42
C PRO A 52 -15.94 -0.53 -31.91
N ALA A 53 -15.31 -1.40 -31.13
CA ALA A 53 -13.92 -1.80 -31.36
C ALA A 53 -13.83 -3.30 -31.56
N SER A 54 -13.05 -3.70 -32.56
CA SER A 54 -12.74 -5.12 -32.79
C SER A 54 -11.96 -5.68 -31.61
N VAL A 55 -12.29 -6.90 -31.20
CA VAL A 55 -11.53 -7.71 -30.22
C VAL A 55 -10.40 -8.46 -30.93
N LYS A 56 -10.48 -8.58 -32.26
CA LYS A 56 -9.61 -9.53 -32.98
CA LYS A 56 -9.65 -9.56 -33.01
C LYS A 56 -9.05 -8.94 -34.27
N ASP A 57 -7.97 -9.53 -34.72
CA ASP A 57 -7.47 -9.36 -36.07
C ASP A 57 -8.30 -10.28 -36.96
N GLY A 58 -8.93 -9.72 -38.00
CA GLY A 58 -9.81 -10.52 -38.87
C GLY A 58 -10.64 -9.60 -39.73
N TYR A 59 -11.93 -9.86 -39.75
CA TYR A 59 -12.86 -9.19 -40.68
C TYR A 59 -14.14 -8.79 -39.98
N ALA A 60 -14.60 -7.56 -40.25
CA ALA A 60 -15.93 -7.06 -39.85
C ALA A 60 -16.95 -7.51 -40.91
N VAL A 61 -17.91 -8.28 -40.45
CA VAL A 61 -18.88 -8.96 -41.36
C VAL A 61 -20.30 -8.56 -40.99
N ARG A 62 -21.24 -8.90 -41.87
CA ARG A 62 -22.67 -9.02 -41.51
C ARG A 62 -22.91 -10.47 -41.10
N ALA A 63 -23.28 -10.69 -39.87
CA ALA A 63 -23.56 -12.05 -39.37
C ALA A 63 -24.64 -12.73 -40.23
N ALA A 64 -25.68 -11.98 -40.61
CA ALA A 64 -26.80 -12.51 -41.43
C ALA A 64 -26.29 -13.08 -42.76
N ASP A 65 -25.13 -12.66 -43.28
CA ASP A 65 -24.59 -13.18 -44.56
C ASP A 65 -24.19 -14.66 -44.38
N GLY A 66 -23.96 -15.09 -43.14
CA GLY A 66 -23.45 -16.43 -42.82
C GLY A 66 -22.05 -16.65 -43.38
N PRO A 67 -21.61 -17.93 -43.47
CA PRO A 67 -20.33 -18.29 -44.07
C PRO A 67 -20.39 -18.11 -45.58
N GLY A 68 -19.23 -17.98 -46.20
CA GLY A 68 -19.10 -17.90 -47.67
C GLY A 68 -18.02 -16.95 -48.13
N ASP A 69 -18.01 -16.67 -49.42
CA ASP A 69 -16.94 -15.94 -50.12
C ASP A 69 -17.41 -14.49 -50.23
N ARG A 70 -16.55 -13.60 -49.77
CA ARG A 70 -16.89 -12.18 -49.54
CA ARG A 70 -16.90 -12.18 -49.53
C ARG A 70 -15.88 -11.26 -50.21
N PHE A 71 -16.39 -10.13 -50.74
CA PHE A 71 -15.54 -9.05 -51.27
C PHE A 71 -15.02 -8.20 -50.09
N ILE A 72 -13.73 -7.97 -50.06
CA ILE A 72 -13.08 -7.12 -49.03
C ILE A 72 -13.09 -5.70 -49.57
N ILE A 73 -13.86 -4.80 -49.00
CA ILE A 73 -14.02 -3.42 -49.61
C ILE A 73 -12.95 -2.48 -49.08
N GLY A 74 -12.23 -2.86 -48.02
CA GLY A 74 -11.13 -2.06 -47.50
C GLY A 74 -10.67 -2.55 -46.14
N GLU A 75 -9.97 -1.69 -45.41
CA GLU A 75 -9.39 -2.05 -44.09
C GLU A 75 -9.77 -0.95 -43.11
N SER A 76 -10.15 -1.35 -41.89
CA SER A 76 -10.25 -0.46 -40.71
C SER A 76 -8.96 -0.66 -39.90
N GLN A 77 -8.08 0.34 -39.88
CA GLN A 77 -6.79 0.25 -39.15
CA GLN A 77 -6.79 0.25 -39.15
C GLN A 77 -6.90 1.04 -37.85
N ALA A 78 -6.10 0.66 -36.87
CA ALA A 78 -6.09 1.33 -35.57
C ALA A 78 -5.89 2.82 -35.78
N GLY A 79 -6.73 3.63 -35.14
CA GLY A 79 -6.54 5.09 -35.09
C GLY A 79 -7.25 5.83 -36.18
N GLU A 80 -7.94 5.12 -37.09
CA GLU A 80 -8.63 5.79 -38.21
C GLU A 80 -10.12 5.45 -38.16
N GLN A 81 -11.00 6.43 -38.25
CA GLN A 81 -12.46 6.19 -38.38
C GLN A 81 -12.76 5.74 -39.82
N PRO A 82 -13.35 4.56 -40.06
CA PRO A 82 -13.59 4.15 -41.44
C PRO A 82 -14.69 5.02 -42.06
N THR A 83 -14.67 5.11 -43.39
CA THR A 83 -15.63 5.93 -44.17
C THR A 83 -16.64 5.05 -44.90
N GLN A 84 -16.33 3.76 -45.08
CA GLN A 84 -17.17 2.88 -45.93
C GLN A 84 -18.22 2.15 -45.11
N THR A 85 -19.31 1.75 -45.76
CA THR A 85 -20.40 0.98 -45.19
C THR A 85 -20.33 -0.42 -45.79
N VAL A 86 -20.33 -1.40 -44.91
CA VAL A 86 -20.38 -2.83 -45.33
C VAL A 86 -21.82 -3.17 -45.73
N MET A 87 -21.98 -3.60 -46.97
N MET A 87 -21.98 -3.62 -46.97
CA MET A 87 -23.28 -4.07 -47.53
CA MET A 87 -23.26 -4.16 -47.50
C MET A 87 -23.29 -5.60 -47.57
C MET A 87 -23.09 -5.66 -47.77
N PRO A 88 -24.49 -6.26 -47.59
N PRO A 88 -24.03 -6.30 -48.48
CA PRO A 88 -24.59 -7.72 -47.61
CA PRO A 88 -24.06 -7.76 -48.60
C PRO A 88 -23.65 -8.23 -48.71
C PRO A 88 -22.94 -8.36 -49.46
N GLY A 89 -22.81 -9.22 -48.38
N GLY A 89 -22.53 -9.57 -49.07
CA GLY A 89 -21.88 -9.86 -49.34
CA GLY A 89 -21.31 -10.22 -49.58
C GLY A 89 -20.43 -9.38 -49.27
C GLY A 89 -20.13 -9.32 -49.40
N GLN A 90 -20.18 -8.37 -48.43
CA GLN A 90 -18.94 -7.61 -48.26
C GLN A 90 -18.41 -7.78 -46.83
N VAL A 91 -17.12 -7.59 -46.71
CA VAL A 91 -16.49 -7.45 -45.37
C VAL A 91 -15.43 -6.36 -45.44
N MET A 92 -14.90 -6.00 -44.27
CA MET A 92 -13.74 -5.08 -44.18
CA MET A 92 -13.75 -5.07 -44.15
C MET A 92 -12.72 -5.74 -43.25
N ARG A 93 -11.46 -5.71 -43.65
CA ARG A 93 -10.39 -6.17 -42.76
C ARG A 93 -10.37 -5.30 -41.51
N VAL A 94 -10.14 -5.89 -40.34
CA VAL A 94 -10.05 -5.11 -39.07
C VAL A 94 -8.87 -5.65 -38.28
N THR A 95 -8.23 -4.79 -37.50
CA THR A 95 -7.26 -5.25 -36.49
C THR A 95 -7.83 -5.03 -35.11
N THR A 96 -7.20 -5.65 -34.12
CA THR A 96 -7.63 -5.54 -32.71
C THR A 96 -7.65 -4.06 -32.35
N GLY A 97 -8.77 -3.60 -31.84
CA GLY A 97 -8.85 -2.22 -31.34
C GLY A 97 -9.23 -1.21 -32.41
N ALA A 98 -9.36 -1.62 -33.67
CA ALA A 98 -9.82 -0.77 -34.76
C ALA A 98 -11.32 -0.63 -34.71
N PRO A 99 -11.84 0.49 -35.23
CA PRO A 99 -13.26 0.70 -35.21
C PRO A 99 -14.04 -0.17 -36.21
N ILE A 100 -15.22 -0.57 -35.79
CA ILE A 100 -16.15 -1.38 -36.63
C ILE A 100 -16.82 -0.44 -37.60
N PRO A 101 -16.73 -0.69 -38.92
CA PRO A 101 -17.42 0.15 -39.91
C PRO A 101 -18.95 -0.03 -39.81
N CYS A 102 -19.65 1.04 -40.19
CA CYS A 102 -21.12 0.97 -40.39
CA CYS A 102 -21.09 1.04 -40.50
C CYS A 102 -21.45 -0.22 -41.30
N GLY A 103 -22.52 -0.92 -40.94
CA GLY A 103 -23.04 -2.04 -41.73
C GLY A 103 -22.52 -3.38 -41.27
N ALA A 104 -21.44 -3.41 -40.48
CA ALA A 104 -20.93 -4.67 -39.93
C ALA A 104 -21.49 -4.84 -38.53
N ASP A 105 -21.76 -6.06 -38.10
CA ASP A 105 -22.34 -6.30 -36.76
CA ASP A 105 -22.36 -6.30 -36.77
C ASP A 105 -21.62 -7.43 -36.05
N ALA A 106 -20.52 -7.93 -36.62
CA ALA A 106 -19.73 -8.99 -35.98
C ALA A 106 -18.32 -8.96 -36.55
N VAL A 107 -17.39 -9.56 -35.80
CA VAL A 107 -16.01 -9.78 -36.28
C VAL A 107 -15.75 -11.29 -36.30
N VAL A 108 -15.20 -11.74 -37.41
CA VAL A 108 -14.65 -13.10 -37.55
C VAL A 108 -13.13 -12.99 -37.53
N GLN A 109 -12.53 -13.74 -36.61
CA GLN A 109 -11.07 -13.75 -36.43
C GLN A 109 -10.43 -14.44 -37.65
N VAL A 110 -9.24 -14.00 -38.02
CA VAL A 110 -8.55 -14.44 -39.25
C VAL A 110 -8.44 -15.98 -39.23
N GLU A 111 -8.22 -16.61 -38.08
CA GLU A 111 -8.14 -18.10 -38.02
C GLU A 111 -9.40 -18.80 -38.54
N ASP A 112 -10.55 -18.15 -38.59
CA ASP A 112 -11.83 -18.73 -39.07
C ASP A 112 -12.12 -18.30 -40.51
N THR A 113 -11.07 -18.02 -41.25
CA THR A 113 -11.15 -17.52 -42.65
C THR A 113 -10.04 -18.20 -43.44
N GLU A 114 -10.24 -18.17 -44.78
CA GLU A 114 -9.13 -18.42 -45.73
C GLU A 114 -9.13 -17.33 -46.78
N LEU A 115 -7.94 -16.88 -47.10
CA LEU A 115 -7.71 -15.84 -48.13
C LEU A 115 -7.83 -16.53 -49.48
N ILE A 116 -8.58 -15.94 -50.35
N ILE A 116 -8.59 -15.92 -50.39
N ILE A 116 -8.56 -15.94 -50.41
CA ILE A 116 -8.58 -16.44 -51.74
CA ILE A 116 -8.89 -16.46 -51.75
CA ILE A 116 -8.72 -16.53 -51.77
C ILE A 116 -7.63 -15.62 -52.59
C ILE A 116 -8.04 -15.73 -52.82
C ILE A 116 -7.94 -15.71 -52.81
N ARG A 117 -8.08 -14.39 -52.86
CA ARG A 117 -7.42 -13.55 -53.91
C ARG A 117 -6.86 -12.32 -53.21
N GLU A 118 -5.62 -11.97 -53.57
CA GLU A 118 -4.96 -10.71 -53.21
C GLU A 118 -4.59 -9.98 -54.51
N SER A 119 -3.95 -8.82 -54.37
CA SER A 119 -3.36 -8.01 -55.47
C SER A 119 -2.13 -8.74 -56.02
N ASP A 120 -1.76 -8.49 -57.28
CA ASP A 120 -0.50 -9.00 -57.88
C ASP A 120 0.71 -8.59 -57.02
N ASP A 121 0.65 -7.41 -56.41
CA ASP A 121 1.69 -6.87 -55.49
C ASP A 121 1.67 -7.66 -54.17
N GLY A 122 0.58 -8.40 -53.90
CA GLY A 122 0.34 -9.14 -52.65
C GLY A 122 0.13 -8.18 -51.50
N THR A 123 -0.29 -6.95 -51.80
CA THR A 123 -0.29 -5.79 -50.87
C THR A 123 -1.69 -5.64 -50.26
N GLU A 124 -2.72 -5.97 -51.04
CA GLU A 124 -4.13 -5.87 -50.62
C GLU A 124 -4.82 -7.22 -50.79
N GLU A 125 -5.57 -7.64 -49.78
CA GLU A 125 -6.52 -8.77 -49.85
C GLU A 125 -7.77 -8.32 -50.61
N LEU A 126 -8.36 -9.14 -51.48
CA LEU A 126 -9.59 -8.81 -52.26
C LEU A 126 -10.80 -9.65 -51.90
N GLU A 127 -10.62 -10.94 -51.59
CA GLU A 127 -11.75 -11.86 -51.35
C GLU A 127 -11.30 -12.87 -50.30
N VAL A 128 -12.18 -13.08 -49.36
CA VAL A 128 -11.91 -14.01 -48.24
C VAL A 128 -13.10 -14.93 -48.10
N ARG A 129 -12.78 -16.17 -47.71
CA ARG A 129 -13.79 -17.15 -47.37
C ARG A 129 -14.02 -17.12 -45.84
N ILE A 130 -15.24 -16.80 -45.42
CA ILE A 130 -15.65 -16.79 -43.99
C ILE A 130 -16.12 -18.20 -43.66
N LEU A 131 -15.41 -18.93 -42.78
CA LEU A 131 -15.70 -20.37 -42.56
C LEU A 131 -16.76 -20.62 -41.50
N VAL A 132 -17.16 -19.61 -40.75
CA VAL A 132 -18.06 -19.83 -39.59
C VAL A 132 -19.32 -18.96 -39.73
N GLN A 133 -20.33 -19.33 -38.94
CA GLN A 133 -21.53 -18.50 -38.71
C GLN A 133 -21.25 -17.63 -37.48
N ALA A 134 -21.05 -16.34 -37.68
CA ALA A 134 -20.82 -15.39 -36.57
C ALA A 134 -22.13 -15.20 -35.81
N ARG A 135 -22.06 -15.05 -34.48
CA ARG A 135 -23.22 -14.56 -33.69
C ARG A 135 -23.22 -13.04 -33.82
N PRO A 136 -24.36 -12.35 -34.03
CA PRO A 136 -24.32 -10.89 -34.08
C PRO A 136 -23.65 -10.38 -32.80
N GLY A 137 -22.85 -9.32 -32.95
CA GLY A 137 -22.07 -8.75 -31.85
C GLY A 137 -20.76 -9.47 -31.57
N GLN A 138 -20.46 -10.63 -32.16
CA GLN A 138 -19.25 -11.44 -31.83
CA GLN A 138 -19.26 -11.40 -31.72
C GLN A 138 -17.98 -10.59 -31.99
N ASP A 139 -17.08 -10.62 -31.01
CA ASP A 139 -15.71 -10.08 -31.10
C ASP A 139 -15.77 -8.58 -31.40
N ILE A 140 -16.76 -7.91 -30.83
CA ILE A 140 -16.90 -6.43 -30.81
C ILE A 140 -17.12 -5.97 -29.37
N ARG A 141 -16.40 -4.92 -29.00
CA ARG A 141 -16.64 -4.16 -27.76
C ARG A 141 -17.49 -2.98 -28.19
N PRO A 142 -18.80 -2.96 -27.87
CA PRO A 142 -19.61 -1.80 -28.18
C PRO A 142 -19.08 -0.56 -27.45
N ILE A 143 -19.52 0.58 -27.91
CA ILE A 143 -19.25 1.88 -27.24
C ILE A 143 -19.64 1.76 -25.77
N GLY A 144 -18.72 2.12 -24.87
CA GLY A 144 -19.03 2.18 -23.44
C GLY A 144 -19.04 0.81 -22.80
N HIS A 145 -18.62 -0.24 -23.50
CA HIS A 145 -18.61 -1.62 -22.96
C HIS A 145 -17.84 -1.64 -21.64
N ASP A 146 -16.66 -1.02 -21.60
CA ASP A 146 -15.72 -1.14 -20.47
C ASP A 146 -16.01 -0.04 -19.44
N ILE A 147 -16.17 1.19 -19.93
CA ILE A 147 -16.43 2.42 -19.12
C ILE A 147 -17.47 3.27 -19.86
N LYS A 148 -18.51 3.72 -19.16
CA LYS A 148 -19.53 4.64 -19.72
C LYS A 148 -19.21 6.06 -19.30
N ARG A 149 -19.43 7.00 -20.22
CA ARG A 149 -19.34 8.43 -19.92
C ARG A 149 -20.20 8.70 -18.68
N GLY A 150 -19.68 9.43 -17.70
CA GLY A 150 -20.46 9.72 -16.47
C GLY A 150 -20.30 8.69 -15.35
N GLU A 151 -19.70 7.53 -15.61
CA GLU A 151 -19.47 6.45 -14.62
C GLU A 151 -18.39 6.89 -13.63
N CYS A 152 -18.63 6.66 -12.35
CA CYS A 152 -17.58 6.80 -11.31
C CYS A 152 -16.63 5.60 -11.41
N VAL A 153 -15.38 5.83 -11.81
CA VAL A 153 -14.37 4.75 -12.01
C VAL A 153 -13.52 4.53 -10.77
N LEU A 154 -13.38 5.56 -9.92
CA LEU A 154 -12.62 5.43 -8.66
C LEU A 154 -13.32 6.25 -7.62
N ALA A 155 -13.52 5.63 -6.44
CA ALA A 155 -14.19 6.28 -5.33
C ALA A 155 -13.17 6.99 -4.42
N LYS A 156 -13.60 8.09 -3.78
CA LYS A 156 -12.85 8.68 -2.66
C LYS A 156 -12.54 7.59 -1.64
N GLY A 157 -11.29 7.62 -1.15
CA GLY A 157 -10.80 6.64 -0.18
C GLY A 157 -9.96 5.56 -0.80
N THR A 158 -9.91 5.52 -2.13
CA THR A 158 -9.06 4.51 -2.81
C THR A 158 -7.58 4.82 -2.59
N HIS A 159 -6.84 3.83 -2.08
CA HIS A 159 -5.37 3.86 -1.89
C HIS A 159 -4.75 3.35 -3.20
N MET A 160 -4.16 4.24 -3.95
CA MET A 160 -3.79 3.97 -5.36
C MET A 160 -2.45 3.25 -5.53
N GLY A 161 -2.49 2.35 -6.46
CA GLY A 161 -1.30 1.63 -6.98
C GLY A 161 -1.24 1.82 -8.48
N PRO A 162 -0.37 1.08 -9.18
CA PRO A 162 -0.19 1.26 -10.63
C PRO A 162 -1.43 1.12 -11.49
N SER A 163 -2.32 0.18 -11.17
CA SER A 163 -3.53 -0.04 -11.98
C SER A 163 -4.46 1.18 -11.85
N GLU A 164 -4.50 1.80 -10.65
CA GLU A 164 -5.33 3.01 -10.49
C GLU A 164 -4.73 4.19 -11.27
N ILE A 165 -3.42 4.30 -11.31
CA ILE A 165 -2.75 5.35 -12.13
CA ILE A 165 -2.75 5.36 -12.12
C ILE A 165 -3.10 5.10 -13.60
N GLY A 166 -3.09 3.85 -14.05
CA GLY A 166 -3.46 3.51 -15.43
C GLY A 166 -4.89 3.86 -15.76
N LEU A 167 -5.78 3.67 -14.81
CA LEU A 167 -7.20 3.99 -15.01
C LEU A 167 -7.35 5.51 -15.11
N LEU A 168 -6.66 6.27 -14.28
CA LEU A 168 -6.68 7.77 -14.42
C LEU A 168 -6.17 8.18 -15.81
N ALA A 169 -5.12 7.57 -16.32
CA ALA A 169 -4.61 7.84 -17.68
C ALA A 169 -5.69 7.50 -18.70
N THR A 170 -6.31 6.34 -18.57
CA THR A 170 -7.37 5.89 -19.49
C THR A 170 -8.47 6.95 -19.63
N VAL A 171 -8.97 7.45 -18.51
CA VAL A 171 -10.11 8.38 -18.52
C VAL A 171 -9.64 9.83 -18.69
N GLY A 172 -8.32 10.09 -18.76
CA GLY A 172 -7.81 11.45 -18.99
C GLY A 172 -8.02 12.33 -17.80
N VAL A 173 -8.08 11.77 -16.61
CA VAL A 173 -8.12 12.59 -15.37
C VAL A 173 -6.71 12.69 -14.82
N THR A 174 -5.98 13.72 -15.26
CA THR A 174 -4.54 13.82 -15.04
C THR A 174 -4.22 14.57 -13.75
N GLU A 175 -5.24 15.21 -13.18
CA GLU A 175 -5.08 15.94 -11.90
CA GLU A 175 -5.14 16.01 -11.93
C GLU A 175 -6.15 15.46 -10.93
N VAL A 176 -5.74 15.08 -9.73
CA VAL A 176 -6.65 14.49 -8.72
C VAL A 176 -6.38 15.08 -7.34
N GLU A 177 -7.47 15.21 -6.60
CA GLU A 177 -7.40 15.60 -5.18
CA GLU A 177 -7.45 15.60 -5.18
C GLU A 177 -7.11 14.36 -4.34
N VAL A 178 -6.09 14.47 -3.49
CA VAL A 178 -5.60 13.44 -2.58
C VAL A 178 -5.34 14.03 -1.19
N ASN A 179 -5.22 13.19 -0.18
CA ASN A 179 -4.67 13.66 1.10
C ASN A 179 -3.18 13.94 0.94
N LYS A 180 -2.69 14.95 1.62
CA LYS A 180 -1.26 15.21 1.77
C LYS A 180 -0.59 14.02 2.46
N PHE A 181 0.73 13.86 2.23
CA PHE A 181 1.57 12.97 3.01
C PHE A 181 2.12 13.73 4.20
N PRO A 182 2.29 13.07 5.35
CA PRO A 182 2.93 13.69 6.50
C PRO A 182 4.40 13.94 6.21
N VAL A 183 4.86 15.11 6.64
CA VAL A 183 6.29 15.41 6.76
C VAL A 183 6.75 15.01 8.16
N VAL A 184 7.75 14.18 8.26
CA VAL A 184 8.16 13.54 9.52
C VAL A 184 9.58 13.96 9.86
N ALA A 185 9.73 14.63 11.00
CA ALA A 185 11.03 15.09 11.50
C ALA A 185 11.54 14.10 12.54
N VAL A 186 12.82 13.74 12.47
CA VAL A 186 13.43 12.74 13.38
C VAL A 186 14.65 13.36 14.06
N MET A 187 14.73 13.25 15.37
CA MET A 187 15.91 13.69 16.13
C MET A 187 16.35 12.53 17.00
N SER A 188 17.63 12.47 17.27
CA SER A 188 18.20 11.58 18.30
C SER A 188 18.57 12.44 19.51
N THR A 189 18.65 11.81 20.68
CA THR A 189 19.04 12.52 21.92
C THR A 189 20.15 11.78 22.61
N GLY A 190 21.10 12.54 23.14
CA GLY A 190 22.05 11.96 24.07
C GLY A 190 23.43 12.58 23.96
N ASN A 191 24.00 12.89 25.12
CA ASN A 191 25.37 13.44 25.19
C ASN A 191 26.40 12.41 24.69
N GLU A 192 26.07 11.12 24.62
CA GLU A 192 27.02 10.06 24.18
C GLU A 192 27.06 9.88 22.67
N LEU A 193 26.15 10.52 21.93
CA LEU A 193 26.03 10.18 20.51
C LEU A 193 26.94 11.02 19.62
N LEU A 194 27.50 10.33 18.65
CA LEU A 194 28.29 10.87 17.52
C LEU A 194 27.55 10.65 16.22
N ASN A 195 27.89 11.42 15.20
CA ASN A 195 27.28 11.13 13.88
C ASN A 195 27.88 9.85 13.33
N PRO A 196 27.16 9.17 12.43
CA PRO A 196 27.71 8.00 11.75
C PRO A 196 29.05 8.25 11.08
N GLU A 197 29.25 9.46 10.58
CA GLU A 197 30.50 9.87 9.90
C GLU A 197 31.67 10.04 10.88
N ASP A 198 31.40 10.09 12.18
CA ASP A 198 32.46 10.40 13.17
C ASP A 198 33.28 9.14 13.51
N ASP A 199 34.58 9.34 13.76
CA ASP A 199 35.40 8.38 14.52
C ASP A 199 34.96 8.43 15.99
N LEU A 200 35.04 7.34 16.69
CA LEU A 200 34.67 7.32 18.12
C LEU A 200 35.62 8.18 18.95
N LEU A 201 35.06 8.73 20.01
CA LEU A 201 35.80 9.42 21.09
C LEU A 201 35.43 8.72 22.38
N PRO A 202 36.24 8.90 23.44
CA PRO A 202 35.98 8.21 24.70
C PRO A 202 34.56 8.41 25.22
N GLY A 203 33.92 7.31 25.64
CA GLY A 203 32.60 7.35 26.26
C GLY A 203 31.46 7.49 25.25
N LYS A 204 31.77 7.53 23.95
CA LYS A 204 30.73 7.83 22.94
C LYS A 204 30.48 6.66 21.98
N ILE A 205 29.32 6.72 21.34
CA ILE A 205 28.90 5.70 20.34
C ILE A 205 28.28 6.43 19.16
N ARG A 206 28.09 5.75 18.04
CA ARG A 206 27.42 6.39 16.92
C ARG A 206 25.90 6.29 17.09
N ASP A 207 25.26 7.36 16.63
CA ASP A 207 23.79 7.43 16.54
C ASP A 207 23.33 6.52 15.42
N SER A 208 22.59 5.46 15.74
CA SER A 208 21.99 4.60 14.71
C SER A 208 20.49 4.88 14.54
N ASN A 209 19.81 5.26 15.62
CA ASN A 209 18.34 5.33 15.55
C ASN A 209 17.87 6.32 14.49
N ARG A 210 18.56 7.46 14.35
CA ARG A 210 18.11 8.48 13.37
C ARG A 210 18.06 7.83 11.99
N SER A 211 19.12 7.13 11.60
CA SER A 211 19.22 6.44 10.29
C SER A 211 18.10 5.39 10.17
N THR A 212 17.94 4.56 11.18
CA THR A 212 17.01 3.41 11.08
C THR A 212 15.59 3.95 11.01
N LEU A 213 15.26 4.97 11.83
CA LEU A 213 13.89 5.53 11.84
C LEU A 213 13.62 6.30 10.55
N LEU A 214 14.58 7.13 10.09
CA LEU A 214 14.36 7.86 8.82
C LEU A 214 14.16 6.84 7.70
N ALA A 215 14.95 5.78 7.67
CA ALA A 215 14.81 4.78 6.57
C ALA A 215 13.46 4.05 6.64
N THR A 216 12.99 3.77 7.84
CA THR A 216 11.70 3.12 8.05
C THR A 216 10.60 4.00 7.49
N ILE A 217 10.66 5.30 7.76
CA ILE A 217 9.62 6.23 7.31
CA ILE A 217 9.62 6.26 7.31
C ILE A 217 9.71 6.44 5.78
N GLN A 218 10.93 6.57 5.26
CA GLN A 218 11.12 6.77 3.81
C GLN A 218 10.61 5.53 3.05
N GLU A 219 10.80 4.33 3.58
CA GLU A 219 10.40 3.05 2.94
C GLU A 219 8.90 3.10 2.64
N HIS A 220 8.14 3.82 3.45
CA HIS A 220 6.65 3.96 3.34
C HIS A 220 6.27 5.14 2.46
N GLY A 221 7.24 5.89 1.95
CA GLY A 221 7.09 6.93 0.93
C GLY A 221 6.85 8.32 1.49
N TYR A 222 7.10 8.54 2.78
CA TYR A 222 6.82 9.86 3.38
C TYR A 222 8.05 10.73 3.37
N PRO A 223 7.89 12.04 3.17
CA PRO A 223 9.00 12.98 3.27
C PRO A 223 9.52 13.15 4.70
N THR A 224 10.82 13.29 4.84
CA THR A 224 11.43 13.38 6.17
C THR A 224 12.29 14.63 6.32
N ILE A 225 12.56 14.93 7.59
CA ILE A 225 13.44 16.05 8.01
C ILE A 225 14.38 15.51 9.05
N ASN A 226 15.68 15.66 8.82
CA ASN A 226 16.70 15.20 9.77
C ASN A 226 17.02 16.32 10.76
N LEU A 227 16.64 16.20 12.05
CA LEU A 227 16.84 17.25 13.07
C LEU A 227 18.13 16.95 13.85
N GLY A 228 18.93 15.97 13.46
CA GLY A 228 20.24 15.72 14.07
C GLY A 228 20.19 15.14 15.47
N ILE A 229 21.28 15.37 16.20
CA ILE A 229 21.54 14.89 17.58
C ILE A 229 21.33 16.07 18.52
N VAL A 230 20.53 15.87 19.54
CA VAL A 230 20.28 16.92 20.58
C VAL A 230 20.83 16.41 21.92
N GLY A 231 21.57 17.25 22.64
CA GLY A 231 22.08 16.89 23.97
C GLY A 231 20.98 16.72 25.01
N ASP A 232 21.38 16.13 26.14
CA ASP A 232 20.51 15.86 27.31
C ASP A 232 20.40 17.16 28.11
N ASN A 233 19.72 18.13 27.56
CA ASN A 233 19.40 19.35 28.33
C ASN A 233 18.13 19.99 27.79
N PRO A 234 17.29 20.46 28.71
CA PRO A 234 15.95 20.86 28.37
C PRO A 234 15.89 22.01 27.36
N ASP A 235 16.79 22.99 27.45
CA ASP A 235 16.77 24.14 26.50
CA ASP A 235 16.77 24.13 26.49
C ASP A 235 16.98 23.62 25.06
N ASP A 236 18.01 22.82 24.85
CA ASP A 236 18.28 22.27 23.50
C ASP A 236 17.12 21.40 23.02
N LEU A 237 16.56 20.57 23.90
CA LEU A 237 15.43 19.69 23.48
C LEU A 237 14.25 20.58 23.11
N LEU A 238 13.94 21.63 23.87
CA LEU A 238 12.78 22.49 23.53
C LEU A 238 13.03 23.16 22.18
N ASN A 239 14.23 23.67 21.96
CA ASN A 239 14.56 24.37 20.70
C ASN A 239 14.37 23.41 19.53
N ALA A 240 14.81 22.17 19.69
CA ALA A 240 14.76 21.18 18.59
C ALA A 240 13.30 20.78 18.32
N LEU A 241 12.50 20.60 19.36
CA LEU A 241 11.05 20.29 19.22
C LEU A 241 10.39 21.46 18.51
N ASN A 242 10.68 22.70 18.90
CA ASN A 242 10.04 23.87 18.26
C ASN A 242 10.36 23.85 16.76
N GLU A 243 11.59 23.49 16.41
CA GLU A 243 11.99 23.45 14.99
CA GLU A 243 12.01 23.44 14.99
C GLU A 243 11.19 22.36 14.27
N GLY A 244 11.09 21.18 14.87
CA GLY A 244 10.26 20.09 14.33
C GLY A 244 8.83 20.52 14.11
N ILE A 245 8.23 21.16 15.10
CA ILE A 245 6.82 21.63 15.04
CA ILE A 245 6.81 21.61 15.03
C ILE A 245 6.67 22.58 13.86
N SER A 246 7.66 23.44 13.64
CA SER A 246 7.60 24.43 12.53
C SER A 246 7.70 23.75 11.16
N ARG A 247 8.60 22.77 11.04
CA ARG A 247 8.94 22.22 9.71
C ARG A 247 8.16 20.96 9.36
N ALA A 248 7.47 20.32 10.32
CA ALA A 248 6.92 18.98 10.07
C ALA A 248 5.52 18.83 10.68
N ASP A 249 4.83 17.77 10.27
CA ASP A 249 3.52 17.39 10.81
C ASP A 249 3.71 16.45 12.00
N VAL A 250 4.81 15.73 12.03
CA VAL A 250 5.07 14.63 12.99
C VAL A 250 6.51 14.81 13.44
N ILE A 251 6.73 14.69 14.74
CA ILE A 251 8.09 14.71 15.32
CA ILE A 251 8.10 14.71 15.34
C ILE A 251 8.33 13.36 16.01
N ILE A 252 9.42 12.72 15.63
CA ILE A 252 9.87 11.48 16.28
C ILE A 252 11.18 11.81 17.00
N THR A 253 11.25 11.53 18.27
CA THR A 253 12.49 11.52 19.06
C THR A 253 12.78 10.10 19.48
N SER A 254 14.04 9.85 19.82
CA SER A 254 14.50 8.60 20.49
CA SER A 254 14.39 8.64 20.57
C SER A 254 15.32 8.98 21.72
N GLY A 255 15.24 8.16 22.77
CA GLY A 255 16.01 8.33 24.00
C GLY A 255 15.39 9.32 24.97
N GLY A 256 15.95 9.36 26.18
CA GLY A 256 15.54 10.33 27.19
C GLY A 256 14.14 10.17 27.73
N VAL A 257 13.51 9.01 27.62
CA VAL A 257 12.09 8.82 28.08
C VAL A 257 11.94 7.87 29.27
N SER A 258 13.00 7.23 29.71
CA SER A 258 12.91 6.41 30.94
C SER A 258 13.02 7.37 32.14
N MET A 259 13.33 6.79 33.30
CA MET A 259 13.35 7.52 34.60
C MET A 259 14.78 7.83 35.03
N GLY A 260 15.78 7.75 34.13
CA GLY A 260 17.18 8.14 34.46
C GLY A 260 17.31 9.63 34.76
N GLU A 261 18.43 10.04 35.36
CA GLU A 261 18.64 11.43 35.87
C GLU A 261 18.51 12.45 34.73
N LYS A 262 19.10 12.12 33.58
CA LYS A 262 19.19 13.05 32.43
C LYS A 262 18.27 12.55 31.30
N ASP A 263 17.27 11.74 31.64
CA ASP A 263 16.12 11.46 30.74
C ASP A 263 15.09 12.61 30.92
N TYR A 264 15.10 13.60 30.01
CA TYR A 264 14.38 14.91 30.16
CA TYR A 264 14.36 14.90 30.19
C TYR A 264 13.15 15.06 29.24
N LEU A 265 12.89 14.13 28.32
CA LEU A 265 11.89 14.48 27.27
C LEU A 265 10.47 14.74 27.84
N LYS A 266 9.97 13.91 28.77
CA LYS A 266 8.57 14.07 29.24
CA LYS A 266 8.60 14.01 29.33
C LYS A 266 8.41 15.42 29.95
N GLN A 267 9.37 15.84 30.76
CA GLN A 267 9.29 17.17 31.43
C GLN A 267 9.19 18.24 30.35
N VAL A 268 10.05 18.21 29.33
CA VAL A 268 10.05 19.29 28.30
C VAL A 268 8.71 19.33 27.57
N LEU A 269 8.19 18.18 27.17
CA LEU A 269 6.92 18.08 26.39
C LEU A 269 5.78 18.70 27.19
N ASP A 270 5.73 18.35 28.47
CA ASP A 270 4.63 18.77 29.38
C ASP A 270 4.84 20.24 29.78
N ILE A 271 5.90 20.52 30.55
CA ILE A 271 6.09 21.84 31.22
C ILE A 271 6.49 22.90 30.19
N ASP A 272 7.47 22.62 29.31
CA ASP A 272 8.08 23.66 28.44
C ASP A 272 7.28 23.80 27.14
N LEU A 273 6.88 22.69 26.50
CA LEU A 273 6.21 22.75 25.17
C LEU A 273 4.69 22.81 25.32
N HIS A 274 4.15 22.41 26.48
CA HIS A 274 2.69 22.44 26.79
C HIS A 274 1.93 21.49 25.85
N ALA A 275 2.53 20.34 25.52
CA ALA A 275 1.87 19.27 24.76
C ALA A 275 1.06 18.40 25.73
N GLN A 276 0.08 17.68 25.22
CA GLN A 276 -0.72 16.70 25.98
C GLN A 276 -0.11 15.30 25.78
N ILE A 277 0.50 14.78 26.82
CA ILE A 277 1.05 13.41 26.84
C ILE A 277 -0.13 12.49 27.09
N HIS A 278 -0.48 11.68 26.10
CA HIS A 278 -1.59 10.71 26.19
C HIS A 278 -1.15 9.45 26.91
N PHE A 279 0.10 9.01 26.75
CA PHE A 279 0.69 7.91 27.53
C PHE A 279 2.20 8.12 27.55
N GLY A 280 2.81 7.66 28.63
CA GLY A 280 4.26 7.83 28.84
C GLY A 280 4.93 6.54 29.19
N ARG A 281 4.16 5.48 29.42
CA ARG A 281 4.68 4.10 29.58
C ARG A 281 3.65 3.16 28.98
N VAL A 282 4.15 2.08 28.40
CA VAL A 282 3.29 1.07 27.75
C VAL A 282 3.75 -0.29 28.28
N PHE A 283 2.79 -1.14 28.66
CA PHE A 283 3.09 -2.50 29.14
C PHE A 283 3.35 -3.41 27.95
N MET A 284 4.57 -3.34 27.42
CA MET A 284 4.98 -4.03 26.18
C MET A 284 6.46 -4.33 26.31
N LYS A 285 6.94 -5.30 25.57
CA LYS A 285 8.34 -5.69 25.52
C LYS A 285 8.77 -5.84 24.08
N PRO A 286 9.79 -5.08 23.59
CA PRO A 286 10.38 -3.91 24.25
C PRO A 286 9.44 -2.72 24.08
N GLY A 287 9.74 -1.62 24.75
CA GLY A 287 9.08 -0.33 24.53
C GLY A 287 8.42 0.25 25.76
N LEU A 288 8.82 -0.17 26.98
CA LEU A 288 8.18 0.33 28.22
C LEU A 288 8.04 1.84 28.28
N PRO A 289 9.05 2.69 27.90
CA PRO A 289 8.91 4.13 28.09
C PRO A 289 8.34 4.97 26.93
N THR A 290 7.78 4.28 25.97
CA THR A 290 7.20 4.88 24.77
C THR A 290 6.20 5.96 25.14
N THR A 291 6.33 7.12 24.54
CA THR A 291 5.57 8.32 24.89
C THR A 291 4.91 8.91 23.64
N PHE A 292 3.62 9.24 23.70
CA PHE A 292 2.82 9.82 22.61
C PHE A 292 2.19 11.10 23.11
N ALA A 293 2.36 12.17 22.35
CA ALA A 293 1.80 13.49 22.74
C ALA A 293 1.19 14.17 21.51
N THR A 294 0.21 15.05 21.76
CA THR A 294 -0.37 15.92 20.72
C THR A 294 -0.18 17.37 21.15
N LEU A 295 -0.04 18.25 20.18
CA LEU A 295 0.06 19.69 20.43
C LEU A 295 -0.81 20.40 19.41
N ASP A 296 -1.83 21.11 19.91
CA ASP A 296 -2.82 21.80 19.06
C ASP A 296 -2.41 23.25 18.97
N ILE A 297 -2.01 23.70 17.78
CA ILE A 297 -1.64 25.13 17.54
C ILE A 297 -2.49 25.67 16.39
N ASP A 298 -3.29 26.71 16.63
CA ASP A 298 -4.09 27.41 15.60
C ASP A 298 -4.85 26.37 14.77
N GLY A 299 -5.52 25.43 15.44
CA GLY A 299 -6.39 24.43 14.79
C GLY A 299 -5.61 23.42 13.94
N VAL A 300 -4.28 23.34 14.12
CA VAL A 300 -3.46 22.23 13.56
C VAL A 300 -3.02 21.33 14.72
N ARG A 301 -3.16 20.01 14.58
CA ARG A 301 -2.69 19.03 15.56
C ARG A 301 -1.33 18.50 15.08
N LYS A 302 -0.30 18.75 15.89
CA LYS A 302 1.03 18.13 15.70
C LYS A 302 1.04 16.85 16.50
N ILE A 303 1.80 15.89 16.00
N ILE A 303 1.67 15.80 16.00
CA ILE A 303 1.93 14.54 16.57
CA ILE A 303 1.83 14.58 16.83
C ILE A 303 3.38 14.35 17.03
C ILE A 303 3.32 14.30 17.03
N ILE A 304 3.60 13.86 18.25
CA ILE A 304 4.97 13.68 18.76
C ILE A 304 5.05 12.27 19.29
N PHE A 305 6.03 11.50 18.80
CA PHE A 305 6.34 10.18 19.34
C PHE A 305 7.73 10.24 19.97
N ALA A 306 7.82 10.08 21.28
CA ALA A 306 9.12 10.06 21.97
C ALA A 306 9.42 8.60 22.24
N LEU A 307 10.20 7.99 21.36
CA LEU A 307 10.48 6.57 21.41
C LEU A 307 11.63 6.27 22.37
N PRO A 308 11.73 5.01 22.81
CA PRO A 308 12.83 4.61 23.68
C PRO A 308 14.20 4.71 22.95
N GLY A 309 15.26 4.96 23.70
CA GLY A 309 16.62 5.08 23.16
C GLY A 309 17.19 3.76 22.67
N ASN A 310 16.87 2.63 23.30
CA ASN A 310 17.49 1.37 22.88
C ASN A 310 17.15 1.10 21.41
N PRO A 311 18.15 0.92 20.54
CA PRO A 311 17.86 0.82 19.10
C PRO A 311 16.81 -0.22 18.70
N VAL A 312 16.81 -1.40 19.31
CA VAL A 312 15.81 -2.42 18.99
C VAL A 312 14.43 -1.87 19.40
N SER A 313 14.32 -1.31 20.60
N SER A 313 14.34 -1.30 20.59
CA SER A 313 13.05 -0.72 21.06
CA SER A 313 13.08 -0.72 21.11
C SER A 313 12.56 0.36 20.09
C SER A 313 12.57 0.37 20.16
N ALA A 314 13.47 1.21 19.64
CA ALA A 314 13.10 2.34 18.78
C ALA A 314 12.49 1.83 17.47
N VAL A 315 13.10 0.83 16.83
CA VAL A 315 12.61 0.30 15.51
CA VAL A 315 12.58 0.38 15.50
C VAL A 315 11.27 -0.41 15.73
N VAL A 316 11.17 -1.19 16.79
CA VAL A 316 9.94 -1.98 17.04
C VAL A 316 8.77 -1.00 17.27
N THR A 317 8.96 -0.04 18.16
CA THR A 317 7.87 0.89 18.50
C THR A 317 7.54 1.77 17.28
N CYS A 318 8.54 2.14 16.49
CA CYS A 318 8.25 2.90 15.25
C CYS A 318 7.28 2.10 14.37
N ASN A 319 7.52 0.81 14.21
CA ASN A 319 6.64 -0.05 13.39
C ASN A 319 5.27 -0.23 14.03
N LEU A 320 5.18 -0.39 15.34
CA LEU A 320 3.87 -0.59 15.99
C LEU A 320 3.00 0.66 16.03
N PHE A 321 3.57 1.82 16.32
CA PHE A 321 2.77 3.04 16.60
C PHE A 321 2.89 4.08 15.48
N VAL A 322 4.10 4.36 15.03
CA VAL A 322 4.36 5.50 14.12
C VAL A 322 3.76 5.19 12.77
N VAL A 323 4.12 4.06 12.16
CA VAL A 323 3.70 3.75 10.77
C VAL A 323 2.17 3.76 10.64
N PRO A 324 1.39 3.12 11.55
CA PRO A 324 -0.08 3.22 11.45
C PRO A 324 -0.60 4.65 11.58
N ALA A 325 0.01 5.47 12.42
CA ALA A 325 -0.36 6.89 12.56
C ALA A 325 -0.14 7.61 11.22
N LEU A 326 1.01 7.39 10.59
CA LEU A 326 1.32 8.05 9.33
C LEU A 326 0.32 7.60 8.25
N ARG A 327 -0.05 6.33 8.27
CA ARG A 327 -1.04 5.83 7.30
CA ARG A 327 -1.09 5.74 7.38
C ARG A 327 -2.40 6.54 7.52
N LYS A 328 -2.80 6.77 8.75
CA LYS A 328 -4.06 7.53 8.96
C LYS A 328 -3.86 8.98 8.48
N MET A 329 -2.73 9.61 8.75
CA MET A 329 -2.55 11.02 8.37
C MET A 329 -2.66 11.16 6.84
N GLN A 330 -2.10 10.21 6.07
CA GLN A 330 -2.13 10.31 4.58
C GLN A 330 -3.46 9.75 4.01
N GLY A 331 -4.46 9.56 4.84
CA GLY A 331 -5.83 9.32 4.38
C GLY A 331 -6.25 7.86 4.25
N ILE A 332 -5.43 6.89 4.63
CA ILE A 332 -5.82 5.49 4.44
C ILE A 332 -6.95 5.21 5.45
N LEU A 333 -8.08 4.69 4.95
CA LEU A 333 -9.30 4.59 5.77
C LEU A 333 -9.09 3.62 6.95
N ASP A 334 -8.59 2.44 6.69
CA ASP A 334 -8.17 1.47 7.73
C ASP A 334 -6.65 1.43 7.75
N PRO A 335 -6.01 2.19 8.65
CA PRO A 335 -4.55 2.33 8.61
C PRO A 335 -3.80 1.22 9.37
N ARG A 336 -4.57 0.28 9.93
CA ARG A 336 -3.95 -0.80 10.70
C ARG A 336 -3.05 -1.64 9.80
N PRO A 337 -1.98 -2.19 10.36
CA PRO A 337 -1.11 -3.08 9.63
C PRO A 337 -1.75 -4.44 9.36
N THR A 338 -1.25 -5.10 8.34
CA THR A 338 -1.65 -6.45 7.98
C THR A 338 -1.03 -7.41 8.96
N ILE A 339 -1.86 -8.27 9.54
CA ILE A 339 -1.42 -9.32 10.48
C ILE A 339 -1.68 -10.67 9.81
N ILE A 340 -0.68 -11.49 9.74
CA ILE A 340 -0.81 -12.85 9.16
C ILE A 340 -0.54 -13.88 10.24
N LYS A 341 -0.93 -15.12 9.95
CA LYS A 341 -0.57 -16.28 10.79
C LYS A 341 0.67 -16.97 10.25
N ALA A 342 1.61 -17.32 11.14
CA ALA A 342 2.83 -18.04 10.77
C ALA A 342 3.16 -19.11 11.81
N ARG A 343 4.09 -19.97 11.45
CA ARG A 343 4.59 -21.02 12.38
C ARG A 343 5.88 -20.56 12.99
N LEU A 344 5.99 -20.66 14.31
CA LEU A 344 7.23 -20.31 15.05
C LEU A 344 8.32 -21.27 14.63
N SER A 345 9.51 -20.75 14.32
CA SER A 345 10.70 -21.57 13.99
C SER A 345 11.42 -22.07 15.24
N CYS A 346 11.11 -21.56 16.44
CA CYS A 346 11.83 -21.88 17.71
CA CYS A 346 11.81 -21.95 17.70
C CYS A 346 10.87 -21.81 18.89
N ASP A 347 11.15 -22.58 19.95
CA ASP A 347 10.43 -22.42 21.23
C ASP A 347 10.69 -21.00 21.74
N VAL A 348 9.71 -20.43 22.45
CA VAL A 348 9.86 -19.10 23.09
CA VAL A 348 9.78 -19.08 23.04
C VAL A 348 9.16 -19.11 24.44
N LYS A 349 9.83 -18.53 25.46
CA LYS A 349 9.24 -18.31 26.80
C LYS A 349 8.40 -17.03 26.72
N LEU A 350 7.18 -17.04 27.25
CA LEU A 350 6.35 -15.84 27.17
C LEU A 350 6.64 -14.95 28.36
N ASP A 351 6.56 -13.66 28.13
CA ASP A 351 6.75 -12.64 29.18
C ASP A 351 5.36 -12.26 29.66
N PRO A 352 5.20 -11.68 30.86
CA PRO A 352 3.93 -11.11 31.25
C PRO A 352 3.49 -9.98 30.33
N ARG A 353 4.44 -9.29 29.70
CA ARG A 353 4.09 -8.26 28.69
C ARG A 353 3.92 -8.91 27.33
N PRO A 354 3.03 -8.34 26.50
CA PRO A 354 3.02 -8.72 25.08
C PRO A 354 4.40 -8.36 24.52
N GLU A 355 4.98 -9.26 23.75
CA GLU A 355 6.39 -9.16 23.30
C GLU A 355 6.43 -9.13 21.78
N TYR A 356 7.35 -8.34 21.21
CA TYR A 356 7.44 -8.16 19.75
C TYR A 356 8.90 -8.33 19.33
N HIS A 357 9.11 -8.99 18.22
CA HIS A 357 10.47 -9.23 17.69
C HIS A 357 10.47 -9.29 16.18
N ARG A 358 11.42 -8.60 15.56
CA ARG A 358 11.60 -8.66 14.10
C ARG A 358 11.83 -10.11 13.69
N CYS A 359 11.33 -10.47 12.53
CA CYS A 359 11.50 -11.82 11.99
C CYS A 359 11.49 -11.78 10.46
N ILE A 360 11.83 -12.90 9.85
CA ILE A 360 11.72 -13.12 8.39
C ILE A 360 10.67 -14.20 8.19
N LEU A 361 9.67 -13.87 7.40
CA LEU A 361 8.64 -14.83 6.93
C LEU A 361 9.11 -15.51 5.65
N THR A 362 8.95 -16.84 5.62
CA THR A 362 9.36 -17.68 4.47
CA THR A 362 9.32 -17.64 4.43
C THR A 362 8.24 -18.71 4.21
N TRP A 363 7.83 -18.83 2.96
CA TRP A 363 6.81 -19.81 2.52
C TRP A 363 7.57 -20.99 1.95
N HIS A 364 7.30 -22.22 2.46
N HIS A 364 7.25 -22.22 2.40
CA HIS A 364 7.92 -23.49 2.00
CA HIS A 364 7.92 -23.46 1.95
C HIS A 364 6.95 -24.20 1.05
C HIS A 364 6.94 -24.26 1.10
N HIS A 365 7.47 -25.17 0.27
CA HIS A 365 6.74 -25.92 -0.78
C HIS A 365 5.44 -26.54 -0.24
N GLN A 366 4.30 -26.09 -0.76
CA GLN A 366 2.95 -26.62 -0.49
C GLN A 366 2.63 -26.59 1.00
N GLU A 367 3.25 -25.69 1.74
CA GLU A 367 2.85 -25.48 3.15
C GLU A 367 2.00 -24.24 3.17
N PRO A 368 0.82 -24.33 3.81
CA PRO A 368 -0.15 -23.25 3.76
C PRO A 368 0.36 -22.02 4.52
N LEU A 369 1.03 -22.23 5.64
CA LEU A 369 1.50 -21.16 6.54
C LEU A 369 2.98 -20.92 6.31
N PRO A 370 3.40 -19.65 6.29
CA PRO A 370 4.83 -19.38 6.32
C PRO A 370 5.43 -19.69 7.69
N TRP A 371 6.74 -19.84 7.73
CA TRP A 371 7.52 -19.93 8.98
C TRP A 371 8.04 -18.54 9.32
N ALA A 372 8.04 -18.22 10.60
CA ALA A 372 8.63 -16.97 11.15
C ALA A 372 9.92 -17.30 11.86
N GLN A 373 11.03 -16.80 11.35
CA GLN A 373 12.37 -16.99 11.96
C GLN A 373 12.81 -15.65 12.55
N SER A 374 12.90 -15.58 13.88
CA SER A 374 13.34 -14.37 14.63
CA SER A 374 13.32 -14.36 14.61
C SER A 374 14.74 -13.99 14.17
N THR A 375 15.00 -12.69 14.03
CA THR A 375 16.36 -12.12 13.86
C THR A 375 17.07 -12.21 15.22
N LEU A 383 22.08 -17.49 4.29
CA LEU A 383 21.22 -16.97 3.19
C LEU A 383 20.01 -16.21 3.76
N MET A 384 19.58 -16.52 5.00
CA MET A 384 18.57 -15.73 5.75
C MET A 384 19.21 -14.39 6.14
N SER A 385 20.54 -14.39 6.34
CA SER A 385 21.35 -13.16 6.50
C SER A 385 21.15 -12.25 5.28
N MET A 386 20.83 -12.78 4.08
CA MET A 386 20.77 -11.94 2.84
CA MET A 386 20.74 -11.98 2.81
C MET A 386 19.42 -11.19 2.74
N ARG A 387 18.46 -11.49 3.63
CA ARG A 387 17.09 -10.93 3.56
C ARG A 387 16.87 -10.01 4.75
N SER A 388 16.21 -8.90 4.48
CA SER A 388 15.83 -7.95 5.53
C SER A 388 14.59 -8.48 6.29
N ALA A 389 14.41 -8.06 7.54
CA ALA A 389 13.20 -8.42 8.33
C ALA A 389 11.97 -7.96 7.56
N ASN A 390 10.97 -8.82 7.49
CA ASN A 390 9.68 -8.48 6.84
C ASN A 390 8.49 -8.73 7.77
N GLY A 391 8.75 -9.09 9.01
CA GLY A 391 7.69 -9.35 9.99
C GLY A 391 8.05 -8.86 11.34
N LEU A 392 7.02 -8.56 12.14
CA LEU A 392 7.17 -8.41 13.59
CA LEU A 392 7.12 -8.37 13.61
C LEU A 392 6.30 -9.47 14.27
N LEU A 393 6.98 -10.44 14.86
CA LEU A 393 6.29 -11.47 15.66
CA LEU A 393 6.35 -11.48 15.72
C LEU A 393 5.56 -10.78 16.82
N MET A 394 4.31 -11.19 17.06
CA MET A 394 3.46 -10.61 18.11
C MET A 394 3.14 -11.73 19.09
N LEU A 395 3.94 -11.86 20.14
CA LEU A 395 3.78 -12.97 21.12
C LEU A 395 2.76 -12.55 22.15
N PRO A 396 1.89 -13.50 22.53
CA PRO A 396 0.88 -13.23 23.53
C PRO A 396 1.52 -13.15 24.90
N PRO A 397 0.89 -12.39 25.81
CA PRO A 397 1.31 -12.35 27.20
C PRO A 397 1.16 -13.74 27.83
N LYS A 398 2.06 -14.09 28.73
CA LYS A 398 1.97 -15.35 29.51
C LYS A 398 0.67 -15.31 30.33
N THR A 399 0.06 -16.48 30.49
CA THR A 399 -1.11 -16.73 31.35
C THR A 399 -0.82 -18.00 32.17
N GLU A 400 -1.68 -18.34 33.14
CA GLU A 400 -1.54 -19.60 33.91
C GLU A 400 -1.61 -20.77 32.93
N GLN A 401 -2.45 -20.69 31.89
CA GLN A 401 -2.55 -21.69 30.79
C GLN A 401 -1.23 -21.76 29.98
N TYR A 402 -0.85 -20.68 29.30
CA TYR A 402 0.31 -20.64 28.36
C TYR A 402 1.47 -19.87 28.99
N VAL A 403 2.57 -20.57 29.18
CA VAL A 403 3.83 -20.03 29.75
C VAL A 403 4.90 -20.01 28.67
N GLU A 404 4.71 -20.81 27.63
CA GLU A 404 5.71 -20.99 26.56
C GLU A 404 4.99 -21.35 25.26
N LEU A 405 5.59 -21.03 24.12
CA LEU A 405 5.12 -21.51 22.78
CA LEU A 405 5.10 -21.53 22.80
C LEU A 405 6.22 -22.37 22.15
N HIS A 406 5.82 -23.34 21.34
CA HIS A 406 6.76 -24.32 20.77
C HIS A 406 6.95 -24.09 19.29
N LYS A 407 8.08 -24.55 18.79
CA LYS A 407 8.34 -24.65 17.35
C LYS A 407 7.10 -25.26 16.67
N GLY A 408 6.66 -24.62 15.59
CA GLY A 408 5.53 -25.09 14.76
C GLY A 408 4.19 -24.52 15.16
N GLU A 409 4.05 -23.99 16.35
CA GLU A 409 2.79 -23.39 16.85
CA GLU A 409 2.78 -23.42 16.84
C GLU A 409 2.51 -22.10 16.08
N VAL A 410 1.24 -21.78 15.96
CA VAL A 410 0.78 -20.69 15.06
C VAL A 410 0.73 -19.38 15.84
N VAL A 411 1.38 -18.37 15.26
CA VAL A 411 1.48 -17.04 15.90
C VAL A 411 1.07 -15.95 14.91
N ASP A 412 0.73 -14.81 15.48
CA ASP A 412 0.46 -13.54 14.75
C ASP A 412 1.78 -12.87 14.38
N VAL A 413 1.86 -12.43 13.12
CA VAL A 413 3.05 -11.68 12.63
C VAL A 413 2.52 -10.48 11.86
N MET A 414 3.00 -9.32 12.26
CA MET A 414 2.69 -8.06 11.57
CA MET A 414 2.72 -8.03 11.58
C MET A 414 3.65 -7.90 10.38
N VAL A 415 3.10 -7.62 9.20
CA VAL A 415 3.94 -7.40 7.98
C VAL A 415 4.61 -6.04 8.09
N ILE A 416 5.93 -5.98 7.94
CA ILE A 416 6.64 -4.66 8.02
C ILE A 416 7.58 -4.47 6.86
N GLY A 417 7.60 -5.47 5.99
CA GLY A 417 8.46 -5.66 4.84
C GLY A 417 7.63 -6.23 3.74
N ARG A 418 8.08 -6.03 2.53
CA ARG A 418 7.46 -6.67 1.38
C ARG A 418 7.90 -8.14 1.51
N LEU A 419 6.98 -9.03 1.23
CA LEU A 419 7.17 -10.41 1.70
C LEU A 419 8.36 -11.09 0.99
N PHE B 1 -9.31 -7.85 14.51
CA PHE B 1 -7.90 -7.37 14.52
C PHE B 1 -7.48 -7.02 15.96
N ASN B 2 -6.29 -7.44 16.39
CA ASN B 2 -5.76 -6.99 17.70
C ASN B 2 -4.26 -6.75 17.56
N ILE B 3 -3.72 -5.69 18.18
CA ILE B 3 -2.28 -5.32 18.14
C ILE B 3 -1.50 -6.22 19.11
N VAL B 4 -2.18 -6.88 20.05
CA VAL B 4 -1.55 -7.84 21.01
C VAL B 4 -1.68 -9.24 20.39
N GLY B 5 -0.60 -10.02 20.37
CA GLY B 5 -0.56 -11.36 19.76
C GLY B 5 -1.48 -12.31 20.49
N THR B 6 -2.07 -13.27 19.77
CA THR B 6 -3.04 -14.24 20.33
C THR B 6 -2.54 -15.66 20.11
N THR B 7 -3.05 -16.61 20.89
CA THR B 7 -2.78 -18.06 20.72
C THR B 7 -3.77 -18.57 19.66
N TYR B 8 -3.42 -19.66 18.99
CA TYR B 8 -4.22 -20.26 17.89
C TYR B 8 -5.06 -21.42 18.43
N PRO B 9 -6.40 -21.42 18.30
CA PRO B 9 -7.23 -22.52 18.82
C PRO B 9 -7.52 -23.70 17.88
N CYS B 10 -7.02 -23.69 16.65
CA CYS B 10 -7.27 -24.77 15.65
C CYS B 10 -5.96 -25.51 15.29
N PHE C 1 -23.21 -31.32 18.97
CA PHE C 1 -23.63 -32.53 18.21
C PHE C 1 -24.91 -32.24 17.42
N ASN C 2 -24.99 -32.65 16.16
CA ASN C 2 -26.27 -32.55 15.40
C ASN C 2 -26.41 -33.79 14.52
N ILE C 3 -27.62 -34.35 14.40
CA ILE C 3 -27.91 -35.56 13.59
C ILE C 3 -28.02 -35.15 12.11
N VAL C 4 -28.19 -33.86 11.82
CA VAL C 4 -28.24 -33.35 10.42
C VAL C 4 -26.82 -32.89 10.05
N GLY C 5 -26.29 -33.31 8.89
CA GLY C 5 -24.94 -32.99 8.41
C GLY C 5 -24.75 -31.49 8.26
N THR C 6 -23.55 -30.99 8.52
CA THR C 6 -23.21 -29.54 8.46
C THR C 6 -22.09 -29.32 7.45
N THR C 7 -21.97 -28.09 6.95
CA THR C 7 -20.84 -27.66 6.08
C THR C 7 -19.68 -27.27 7.00
N TYR C 8 -18.45 -27.35 6.49
CA TYR C 8 -17.21 -27.07 7.27
C TYR C 8 -16.74 -25.64 6.99
N PRO C 9 -16.59 -24.77 8.02
CA PRO C 9 -16.15 -23.38 7.81
C PRO C 9 -14.64 -23.09 7.82
N CYS C 10 -13.79 -24.10 8.04
CA CYS C 10 -12.31 -23.92 8.10
C CYS C 10 -11.61 -24.66 6.95
#